data_2KE6
#
_entry.id   2KE6
#
_entity_poly.entity_id   1
_entity_poly.type   'polyribonucleotide'
_entity_poly.pdbx_seq_one_letter_code
;GGCUUGAUUGUAUUUUUAAAUUAAUUCUUAAAAACUACAAAUUAAGCC
;
_entity_poly.pdbx_strand_id   A
#